data_3UIF
#
_entry.id   3UIF
#
_cell.length_a   101.097
_cell.length_b   101.097
_cell.length_c   66.897
_cell.angle_alpha   90.000
_cell.angle_beta   90.000
_cell.angle_gamma   90.000
#
_symmetry.space_group_name_H-M   'P 43 21 2'
#
loop_
_entity.id
_entity.type
_entity.pdbx_description
1 polymer 'Sulfonate ABC transporter, periplasmic sulfonate-binding protein SsuA'
2 non-polymer 'SULFATE ION'
3 non-polymer GLYCEROL
4 water water
#
_entity_poly.entity_id   1
_entity_poly.type   'polypeptide(L)'
_entity_poly.pdbx_seq_one_letter_code
;(MSE)VEDLKVVRIASVATNVGGKTVYAGSASLVVNGAFPEELRKQGIKVEWVPAA(MSE)ASVGPVINEGFASGKIDFG
IYGDLPPIILNASKPTVQLVAPWGTTSNSYLVVPKNSTAKSIKDLKGKKIALHRGRPWELAFSNLLQSEGLTFKDFKIVN
VNPQVGAAALASGTVDGFFSLFDSYILEDRGVGKIIWSTKTAPVDWKL(MSE)GGVWARNDFVKQNPEITQAIVTAYLKS
VHWVAQDENKETYIREYSNKIYPESVNRREYDQDNVSWRQRWSPLYDVALQEHYRKAVAYAQASGLTRTQADVQQ(MSE)
LNPHFVATALKELKLEGFWTPNAENLYFQSHHHHHHWSHPQFEK
;
_entity_poly.pdbx_strand_id   A
#
loop_
_chem_comp.id
_chem_comp.type
_chem_comp.name
_chem_comp.formula
GOL non-polymer GLYCEROL 'C3 H8 O3'
SO4 non-polymer 'SULFATE ION' 'O4 S -2'
#
# COMPACT_ATOMS: atom_id res chain seq x y z
N VAL A 2 25.55 11.10 26.25
CA VAL A 2 24.91 9.90 26.89
C VAL A 2 23.49 10.22 27.43
N GLU A 3 22.48 9.94 26.60
CA GLU A 3 21.07 10.27 26.85
C GLU A 3 20.27 9.07 27.39
N ASP A 4 19.12 9.33 28.02
CA ASP A 4 18.20 8.26 28.44
C ASP A 4 17.06 8.04 27.42
N LEU A 5 17.35 7.35 26.33
CA LEU A 5 16.37 7.23 25.24
C LEU A 5 15.40 6.05 25.40
N LYS A 6 14.18 6.23 24.88
CA LYS A 6 13.20 5.16 24.76
C LYS A 6 13.38 4.45 23.42
N VAL A 7 13.66 3.16 23.45
CA VAL A 7 13.80 2.40 22.21
C VAL A 7 12.42 2.05 21.67
N VAL A 8 12.16 2.48 20.45
CA VAL A 8 10.92 2.13 19.78
C VAL A 8 11.28 1.35 18.52
N ARG A 9 10.83 0.11 18.47
CA ARG A 9 11.11 -0.77 17.36
C ARG A 9 10.08 -0.58 16.27
N ILE A 10 10.57 -0.27 15.07
CA ILE A 10 9.71 -0.03 13.91
C ILE A 10 10.10 -0.91 12.72
N ALA A 11 9.14 -1.70 12.25
CA ALA A 11 9.36 -2.58 11.10
C ALA A 11 9.01 -1.93 9.77
N SER A 12 9.71 -2.31 8.73
CA SER A 12 9.33 -1.99 7.36
C SER A 12 9.68 -3.15 6.43
N VAL A 13 9.05 -3.17 5.26
CA VAL A 13 9.43 -4.14 4.23
C VAL A 13 10.62 -3.56 3.49
N ALA A 14 11.68 -4.35 3.34
CA ALA A 14 12.95 -3.88 2.78
C ALA A 14 13.52 -4.81 1.71
N THR A 15 14.24 -4.21 0.75
CA THR A 15 14.80 -4.95 -0.37
C THR A 15 16.15 -4.34 -0.76
N ASN A 16 17.20 -5.16 -0.84
CA ASN A 16 18.48 -4.69 -1.41
C ASN A 16 18.54 -4.79 -2.94
N VAL A 17 18.73 -3.63 -3.57
CA VAL A 17 18.87 -3.51 -5.04
C VAL A 17 20.16 -2.78 -5.40
N GLY A 18 21.09 -3.48 -6.03
CA GLY A 18 22.36 -2.90 -6.42
C GLY A 18 23.03 -2.08 -5.33
N GLY A 19 23.29 -2.74 -4.20
CA GLY A 19 24.04 -2.15 -3.08
C GLY A 19 23.24 -1.24 -2.16
N LYS A 20 22.00 -0.92 -2.53
CA LYS A 20 21.14 -0.05 -1.71
C LYS A 20 19.95 -0.80 -1.10
N THR A 21 19.16 -0.12 -0.26
CA THR A 21 17.99 -0.75 0.36
C THR A 21 16.73 0.07 0.03
N VAL A 22 15.80 -0.57 -0.67
CA VAL A 22 14.49 0.01 -0.93
C VAL A 22 13.58 -0.36 0.23
N TYR A 23 12.76 0.61 0.62
CA TYR A 23 11.68 0.44 1.58
C TYR A 23 10.37 0.84 0.90
N ALA A 24 9.30 0.08 1.20
CA ALA A 24 8.01 0.27 0.51
C ALA A 24 7.44 1.71 0.55
N GLY A 25 8.07 2.59 -0.26
CA GLY A 25 7.60 3.96 -0.53
C GLY A 25 7.65 4.86 0.69
N SER A 26 6.69 4.64 1.61
CA SER A 26 6.55 5.53 2.76
C SER A 26 7.77 5.47 3.68
N ALA A 27 8.22 4.23 3.94
CA ALA A 27 9.31 3.97 4.86
C ALA A 27 10.63 4.61 4.41
N SER A 28 10.96 4.53 3.12
CA SER A 28 12.24 5.06 2.64
C SER A 28 12.42 6.53 3.05
N LEU A 29 11.35 7.28 2.86
CA LEU A 29 11.24 8.70 3.21
C LEU A 29 11.41 8.93 4.70
N VAL A 30 10.89 8.00 5.49
CA VAL A 30 10.89 8.16 6.92
C VAL A 30 12.20 7.66 7.56
N VAL A 31 12.77 6.59 6.99
CA VAL A 31 14.08 6.06 7.36
C VAL A 31 15.19 7.02 6.95
N ASN A 32 15.04 7.62 5.77
CA ASN A 32 16.06 8.52 5.21
C ASN A 32 15.84 10.02 5.40
N GLY A 33 14.72 10.40 6.02
CA GLY A 33 14.41 11.81 6.27
C GLY A 33 14.81 12.29 7.65
N ALA A 34 14.12 13.32 8.11
CA ALA A 34 14.40 13.98 9.39
C ALA A 34 13.70 13.30 10.58
N PHE A 35 12.90 12.27 10.26
CA PHE A 35 12.11 11.52 11.24
C PHE A 35 12.90 10.93 12.42
N PRO A 36 14.00 10.17 12.16
CA PRO A 36 14.74 9.62 13.32
C PRO A 36 15.22 10.72 14.25
N GLU A 37 15.88 11.72 13.67
CA GLU A 37 16.45 12.84 14.43
C GLU A 37 15.41 13.62 15.25
N GLU A 38 14.25 13.91 14.66
CA GLU A 38 13.18 14.63 15.35
C GLU A 38 12.60 13.86 16.54
N LEU A 39 12.54 12.54 16.41
CA LEU A 39 12.11 11.70 17.52
C LEU A 39 13.15 11.62 18.62
N ARG A 40 14.43 11.70 18.22
CA ARG A 40 15.52 11.71 19.16
C ARG A 40 15.39 12.90 20.14
N LYS A 41 15.05 14.08 19.60
CA LYS A 41 14.77 15.28 20.43
C LYS A 41 13.66 15.05 21.46
N GLN A 42 12.72 14.17 21.12
CA GLN A 42 11.63 13.82 22.01
C GLN A 42 12.02 12.80 23.10
N GLY A 43 13.26 12.35 23.08
CA GLY A 43 13.72 11.28 23.97
C GLY A 43 13.44 9.87 23.44
N ILE A 44 13.18 9.78 22.14
CA ILE A 44 12.84 8.52 21.49
C ILE A 44 13.92 8.09 20.51
N LYS A 45 14.40 6.86 20.68
CA LYS A 45 15.28 6.23 19.72
C LYS A 45 14.54 5.21 18.88
N VAL A 46 14.35 5.52 17.61
CA VAL A 46 13.77 4.57 16.69
C VAL A 46 14.81 3.53 16.31
N GLU A 47 14.37 2.28 16.30
CA GLU A 47 15.19 1.18 15.82
C GLU A 47 14.48 0.46 14.68
N TRP A 48 15.17 0.30 13.57
CA TRP A 48 14.52 -0.27 12.41
C TRP A 48 14.63 -1.76 12.41
N VAL A 49 13.54 -2.42 12.05
CA VAL A 49 13.53 -3.85 11.85
C VAL A 49 13.16 -4.09 10.38
N PRO A 50 14.15 -4.03 9.49
CA PRO A 50 13.91 -4.32 8.09
C PRO A 50 13.50 -5.78 7.88
N ALA A 51 12.53 -5.99 7.00
CA ALA A 51 12.05 -7.33 6.72
C ALA A 51 12.01 -7.55 5.22
N ALA A 52 12.67 -8.60 4.75
CA ALA A 52 12.56 -9.00 3.35
C ALA A 52 11.09 -9.27 2.99
N MSE A 53 10.79 -9.10 1.72
CA MSE A 53 9.41 -9.08 1.24
C MSE A 53 8.64 -10.34 1.58
O MSE A 53 7.41 -10.28 1.67
CB MSE A 53 9.41 -8.74 -0.25
CG MSE A 53 8.22 -7.83 -0.55
SE MSE A 53 8.32 -7.30 -2.47
CE MSE A 53 6.55 -8.07 -2.96
N ALA A 54 9.31 -11.48 1.76
CA ALA A 54 8.56 -12.58 2.38
C ALA A 54 9.13 -13.17 3.66
N SER A 55 9.47 -12.25 4.56
CA SER A 55 9.72 -12.51 5.98
C SER A 55 8.58 -11.87 6.77
N VAL A 56 7.64 -11.26 6.05
CA VAL A 56 6.62 -10.39 6.67
C VAL A 56 5.80 -11.10 7.76
N GLY A 57 5.35 -12.33 7.49
CA GLY A 57 4.72 -13.16 8.49
C GLY A 57 5.60 -13.47 9.71
N PRO A 58 6.69 -14.25 9.50
CA PRO A 58 7.57 -14.72 10.59
C PRO A 58 8.49 -13.66 11.23
N VAL A 59 8.54 -12.46 10.65
CA VAL A 59 9.25 -11.32 11.25
C VAL A 59 8.27 -10.21 11.69
N ILE A 60 7.48 -9.64 10.78
CA ILE A 60 6.62 -8.52 11.19
C ILE A 60 5.39 -8.96 11.98
N ASN A 61 4.44 -9.65 11.34
CA ASN A 61 3.26 -10.15 12.06
C ASN A 61 3.63 -10.88 13.34
N GLU A 62 4.70 -11.67 13.28
CA GLU A 62 5.22 -12.43 14.43
C GLU A 62 5.82 -11.55 15.54
N GLY A 63 6.59 -10.54 15.15
CA GLY A 63 7.15 -9.55 16.09
C GLY A 63 6.06 -8.78 16.81
N PHE A 64 5.03 -8.42 16.05
CA PHE A 64 3.81 -7.87 16.65
C PHE A 64 3.19 -8.84 17.65
N ALA A 65 3.01 -10.10 17.24
CA ALA A 65 2.39 -11.13 18.08
C ALA A 65 3.11 -11.37 19.40
N SER A 66 4.45 -11.38 19.37
CA SER A 66 5.27 -11.64 20.56
C SER A 66 5.62 -10.35 21.32
N GLY A 67 5.09 -9.22 20.84
CA GLY A 67 5.40 -7.92 21.42
C GLY A 67 6.84 -7.47 21.24
N LYS A 68 7.55 -8.02 20.26
CA LYS A 68 8.95 -7.65 20.02
C LYS A 68 9.11 -6.51 19.01
N ILE A 69 7.98 -6.00 18.53
CA ILE A 69 7.96 -4.90 17.57
C ILE A 69 6.84 -4.00 18.03
N ASP A 70 6.96 -2.70 17.82
CA ASP A 70 5.99 -1.76 18.35
C ASP A 70 5.17 -1.11 17.25
N PHE A 71 5.85 -0.76 16.17
CA PHE A 71 5.25 -0.13 15.02
C PHE A 71 5.70 -0.85 13.77
N GLY A 72 4.91 -0.72 12.71
CA GLY A 72 5.22 -1.35 11.45
C GLY A 72 4.67 -0.55 10.28
N ILE A 73 5.55 -0.19 9.37
CA ILE A 73 5.13 0.51 8.18
C ILE A 73 5.07 -0.44 7.00
N TYR A 74 3.86 -0.90 6.71
CA TYR A 74 3.67 -1.84 5.62
C TYR A 74 2.23 -1.80 5.14
N GLY A 75 1.85 -2.72 4.24
CA GLY A 75 0.53 -2.71 3.61
C GLY A 75 -0.58 -3.16 4.53
N ASP A 76 -1.81 -3.10 4.06
CA ASP A 76 -2.95 -3.49 4.89
C ASP A 76 -3.24 -4.98 4.88
N LEU A 77 -2.72 -5.70 3.90
CA LEU A 77 -3.07 -7.11 3.84
C LEU A 77 -2.54 -7.93 5.06
N PRO A 78 -1.21 -7.93 5.31
CA PRO A 78 -0.75 -8.65 6.51
C PRO A 78 -1.46 -8.34 7.85
N PRO A 79 -1.57 -7.04 8.24
CA PRO A 79 -2.22 -6.72 9.52
C PRO A 79 -3.69 -7.15 9.58
N ILE A 80 -4.39 -7.10 8.45
CA ILE A 80 -5.70 -7.73 8.34
C ILE A 80 -5.66 -9.22 8.70
N ILE A 81 -4.68 -9.96 8.17
CA ILE A 81 -4.53 -11.40 8.44
C ILE A 81 -4.18 -11.67 9.90
N LEU A 82 -3.30 -10.85 10.46
CA LEU A 82 -2.95 -10.91 11.88
C LEU A 82 -4.17 -10.67 12.79
N ASN A 83 -4.87 -9.57 12.53
CA ASN A 83 -6.03 -9.15 13.32
C ASN A 83 -7.19 -10.11 13.30
N ALA A 84 -7.34 -10.85 12.21
CA ALA A 84 -8.39 -11.87 12.13
C ALA A 84 -8.12 -12.94 13.19
N SER A 85 -6.88 -13.41 13.28
CA SER A 85 -6.45 -14.37 14.29
C SER A 85 -6.70 -13.85 15.71
N LYS A 86 -6.45 -12.55 15.90
CA LYS A 86 -6.59 -11.88 17.20
C LYS A 86 -6.34 -10.38 17.03
N PRO A 87 -7.22 -9.55 17.62
CA PRO A 87 -6.95 -8.10 17.56
C PRO A 87 -5.56 -7.78 18.16
N THR A 88 -4.64 -7.28 17.33
CA THR A 88 -3.26 -7.09 17.80
C THR A 88 -2.73 -5.70 17.49
N VAL A 89 -3.21 -5.12 16.39
CA VAL A 89 -2.55 -4.00 15.73
C VAL A 89 -3.57 -2.99 15.16
N GLN A 90 -3.20 -1.72 15.16
CA GLN A 90 -4.05 -0.57 14.79
C GLN A 90 -3.38 0.27 13.73
N LEU A 91 -4.16 0.82 12.81
CA LEU A 91 -3.63 1.82 11.88
C LEU A 91 -3.66 3.19 12.55
N VAL A 92 -2.45 3.75 12.82
CA VAL A 92 -2.33 5.07 13.48
C VAL A 92 -1.90 6.20 12.53
N ALA A 93 -1.49 5.84 11.32
CA ALA A 93 -1.19 6.79 10.25
C ALA A 93 -1.26 6.11 8.87
N PRO A 94 -2.36 6.34 8.12
CA PRO A 94 -2.49 5.83 6.77
C PRO A 94 -1.45 6.52 5.88
N TRP A 95 -0.79 5.77 5.01
CA TRP A 95 0.24 6.35 4.16
C TRP A 95 -0.29 6.86 2.82
N GLY A 96 -1.59 6.77 2.64
CA GLY A 96 -2.22 7.18 1.40
C GLY A 96 -2.49 6.00 0.50
N THR A 97 -2.35 6.21 -0.79
CA THR A 97 -2.62 5.12 -1.71
C THR A 97 -1.33 4.73 -2.35
N THR A 98 -0.98 3.48 -2.13
CA THR A 98 0.35 3.07 -2.49
C THR A 98 0.49 2.71 -4.00
N SER A 99 -0.50 2.02 -4.58
CA SER A 99 -0.40 1.56 -5.97
C SER A 99 -1.71 1.50 -6.75
N ASN A 100 -1.63 1.85 -8.04
CA ASN A 100 -2.69 1.48 -8.96
C ASN A 100 -2.53 0.01 -9.40
N SER A 101 -3.57 -0.53 -10.01
CA SER A 101 -3.47 -1.82 -10.68
C SER A 101 -3.81 -1.64 -12.14
N TYR A 102 -3.41 -2.62 -12.95
CA TYR A 102 -3.40 -2.48 -14.40
C TYR A 102 -3.76 -3.79 -15.08
N LEU A 103 -4.57 -3.72 -16.13
CA LEU A 103 -4.81 -4.86 -17.01
C LEU A 103 -4.04 -4.65 -18.29
N VAL A 104 -3.23 -5.65 -18.61
CA VAL A 104 -2.31 -5.63 -19.74
C VAL A 104 -2.68 -6.77 -20.64
N VAL A 105 -2.71 -6.50 -21.95
CA VAL A 105 -2.93 -7.52 -22.97
C VAL A 105 -1.76 -7.52 -23.95
N PRO A 106 -1.53 -8.63 -24.67
CA PRO A 106 -0.42 -8.63 -25.63
C PRO A 106 -0.55 -7.45 -26.58
N LYS A 107 0.58 -6.99 -27.11
CA LYS A 107 0.58 -5.83 -28.01
C LYS A 107 -0.53 -5.89 -29.08
N ASN A 108 -0.64 -7.02 -29.78
CA ASN A 108 -1.57 -7.16 -30.91
C ASN A 108 -2.99 -7.63 -30.59
N SER A 109 -3.49 -7.32 -29.40
CA SER A 109 -4.75 -7.91 -28.94
C SER A 109 -6.02 -7.16 -29.42
N THR A 110 -7.07 -7.95 -29.66
CA THR A 110 -8.44 -7.48 -29.91
C THR A 110 -9.06 -6.77 -28.68
N ALA A 111 -8.67 -7.24 -27.50
CA ALA A 111 -9.29 -6.88 -26.23
C ALA A 111 -9.19 -5.39 -25.92
N LYS A 112 -10.31 -4.81 -25.48
CA LYS A 112 -10.38 -3.38 -25.10
C LYS A 112 -10.82 -3.16 -23.64
N SER A 113 -11.55 -4.13 -23.08
CA SER A 113 -11.95 -4.10 -21.67
C SER A 113 -12.08 -5.54 -21.18
N ILE A 114 -12.12 -5.72 -19.86
CA ILE A 114 -12.09 -7.06 -19.26
C ILE A 114 -13.13 -8.01 -19.86
N LYS A 115 -14.26 -7.44 -20.30
CA LYS A 115 -15.35 -8.21 -20.93
C LYS A 115 -14.80 -9.13 -22.01
N ASP A 116 -13.89 -8.59 -22.83
CA ASP A 116 -13.34 -9.29 -23.98
C ASP A 116 -12.47 -10.48 -23.60
N LEU A 117 -12.18 -10.62 -22.32
CA LEU A 117 -11.26 -11.66 -21.90
C LEU A 117 -12.00 -12.83 -21.31
N LYS A 118 -13.33 -12.81 -21.43
CA LYS A 118 -14.17 -13.93 -20.99
C LYS A 118 -13.68 -15.24 -21.59
N GLY A 119 -13.51 -16.24 -20.73
CA GLY A 119 -13.05 -17.56 -21.12
C GLY A 119 -11.58 -17.63 -21.48
N LYS A 120 -10.85 -16.53 -21.27
CA LYS A 120 -9.42 -16.45 -21.59
C LYS A 120 -8.53 -16.69 -20.38
N LYS A 121 -7.22 -16.84 -20.64
CA LYS A 121 -6.19 -16.96 -19.60
C LYS A 121 -5.69 -15.60 -19.10
N ILE A 122 -5.87 -15.34 -17.81
CA ILE A 122 -5.31 -14.14 -17.18
C ILE A 122 -4.35 -14.51 -16.05
N ALA A 123 -3.10 -14.06 -16.21
CA ALA A 123 -2.04 -14.22 -15.22
C ALA A 123 -2.26 -13.24 -14.07
N LEU A 124 -2.44 -13.79 -12.87
CA LEU A 124 -2.68 -12.96 -11.69
C LEU A 124 -2.09 -13.61 -10.44
N HIS A 125 -1.31 -12.84 -9.68
CA HIS A 125 -0.73 -13.39 -8.46
C HIS A 125 -1.72 -13.47 -7.34
N ARG A 126 -2.33 -14.63 -7.20
CA ARG A 126 -3.41 -14.83 -6.21
C ARG A 126 -2.98 -14.64 -4.76
N GLY A 127 -3.90 -14.08 -3.94
CA GLY A 127 -3.59 -13.79 -2.55
C GLY A 127 -2.83 -12.50 -2.35
N ARG A 128 -2.65 -11.72 -3.42
CA ARG A 128 -2.01 -10.40 -3.32
C ARG A 128 -3.02 -9.25 -3.26
N PRO A 129 -2.65 -8.14 -2.59
CA PRO A 129 -3.63 -7.06 -2.43
C PRO A 129 -4.34 -6.69 -3.75
N TRP A 130 -3.61 -6.65 -4.85
CA TRP A 130 -4.24 -6.23 -6.10
C TRP A 130 -5.30 -7.17 -6.61
N GLU A 131 -5.42 -8.34 -6.00
CA GLU A 131 -6.49 -9.29 -6.35
C GLU A 131 -7.85 -8.69 -6.01
N LEU A 132 -7.89 -7.88 -4.97
CA LEU A 132 -9.09 -7.16 -4.57
C LEU A 132 -9.59 -6.21 -5.68
N ALA A 133 -8.66 -5.42 -6.24
CA ALA A 133 -8.97 -4.56 -7.37
C ALA A 133 -9.48 -5.38 -8.57
N PHE A 134 -8.89 -6.55 -8.79
CA PHE A 134 -9.32 -7.40 -9.88
C PHE A 134 -10.75 -7.87 -9.62
N SER A 135 -10.99 -8.34 -8.40
CA SER A 135 -12.30 -8.78 -7.97
C SER A 135 -13.36 -7.66 -8.12
N ASN A 136 -13.01 -6.46 -7.65
CA ASN A 136 -13.85 -5.27 -7.84
C ASN A 136 -14.23 -5.04 -9.29
N LEU A 137 -13.22 -5.02 -10.14
CA LEU A 137 -13.41 -4.81 -11.56
C LEU A 137 -14.36 -5.85 -12.13
N LEU A 138 -14.18 -7.11 -11.73
CA LEU A 138 -15.07 -8.18 -12.18
C LEU A 138 -16.50 -7.91 -11.73
N GLN A 139 -16.66 -7.58 -10.45
CA GLN A 139 -17.96 -7.26 -9.88
C GLN A 139 -18.59 -6.11 -10.64
N SER A 140 -17.80 -5.07 -10.92
CA SER A 140 -18.28 -3.86 -11.60
C SER A 140 -18.93 -4.19 -12.94
N GLU A 141 -18.41 -5.21 -13.63
CA GLU A 141 -18.92 -5.53 -14.97
C GLU A 141 -19.72 -6.84 -14.99
N GLY A 142 -20.10 -7.29 -13.79
CA GLY A 142 -21.02 -8.42 -13.61
C GLY A 142 -20.41 -9.75 -13.99
N LEU A 143 -19.17 -9.95 -13.59
CA LEU A 143 -18.44 -11.17 -13.91
C LEU A 143 -17.85 -11.75 -12.64
N THR A 144 -17.34 -12.98 -12.76
CA THR A 144 -16.68 -13.68 -11.64
C THR A 144 -15.38 -14.37 -12.14
N PHE A 145 -14.61 -14.90 -11.20
CA PHE A 145 -13.48 -15.80 -11.50
C PHE A 145 -13.86 -16.98 -12.40
N LYS A 146 -15.07 -17.50 -12.21
CA LYS A 146 -15.62 -18.57 -13.05
C LYS A 146 -15.43 -18.33 -14.55
N ASP A 147 -15.44 -17.07 -14.95
CA ASP A 147 -15.40 -16.70 -16.37
C ASP A 147 -14.02 -16.57 -16.97
N PHE A 148 -13.00 -16.93 -16.20
CA PHE A 148 -11.65 -16.88 -16.71
C PHE A 148 -10.86 -18.08 -16.25
N LYS A 149 -9.88 -18.48 -17.05
CA LYS A 149 -8.82 -19.35 -16.54
C LYS A 149 -7.77 -18.44 -15.87
N ILE A 150 -7.70 -18.50 -14.55
CA ILE A 150 -6.72 -17.72 -13.79
C ILE A 150 -5.43 -18.50 -13.60
N VAL A 151 -4.37 -18.00 -14.22
CA VAL A 151 -3.03 -18.57 -14.07
C VAL A 151 -2.38 -17.89 -12.86
N ASN A 152 -2.15 -18.66 -11.79
CA ASN A 152 -1.56 -18.09 -10.58
C ASN A 152 -0.02 -18.09 -10.60
N VAL A 153 0.56 -16.92 -10.93
CA VAL A 153 2.01 -16.72 -11.06
C VAL A 153 2.45 -15.36 -10.51
N ASN A 154 3.70 -15.26 -10.06
CA ASN A 154 4.23 -13.95 -9.67
C ASN A 154 4.30 -12.97 -10.88
N PRO A 155 4.49 -11.67 -10.62
CA PRO A 155 4.49 -10.70 -11.71
C PRO A 155 5.57 -10.94 -12.76
N GLN A 156 6.67 -11.58 -12.39
CA GLN A 156 7.77 -11.79 -13.32
C GLN A 156 7.44 -12.91 -14.32
N VAL A 157 6.91 -14.03 -13.83
CA VAL A 157 6.43 -15.13 -14.68
C VAL A 157 5.25 -14.66 -15.52
N GLY A 158 4.37 -13.89 -14.89
CA GLY A 158 3.19 -13.36 -15.55
C GLY A 158 3.53 -12.41 -16.67
N ALA A 159 4.52 -11.55 -16.43
CA ALA A 159 5.07 -10.66 -17.44
C ALA A 159 5.67 -11.46 -18.61
N ALA A 160 6.51 -12.43 -18.30
CA ALA A 160 7.10 -13.28 -19.33
C ALA A 160 6.04 -14.04 -20.14
N ALA A 161 5.00 -14.53 -19.46
CA ALA A 161 3.91 -15.28 -20.10
C ALA A 161 3.09 -14.43 -21.06
N LEU A 162 2.82 -13.19 -20.67
CA LEU A 162 2.06 -12.29 -21.53
C LEU A 162 2.86 -11.90 -22.77
N ALA A 163 4.15 -11.66 -22.57
CA ALA A 163 5.08 -11.34 -23.66
C ALA A 163 5.14 -12.47 -24.68
N SER A 164 4.91 -13.68 -24.21
CA SER A 164 4.91 -14.89 -25.06
C SER A 164 3.59 -15.16 -25.77
N GLY A 165 2.51 -14.60 -25.25
CA GLY A 165 1.16 -15.00 -25.68
C GLY A 165 0.75 -16.34 -25.07
N THR A 166 1.35 -16.67 -23.93
CA THR A 166 1.00 -17.85 -23.14
C THR A 166 -0.28 -17.58 -22.33
N VAL A 167 -0.48 -16.32 -21.96
CA VAL A 167 -1.75 -15.85 -21.42
C VAL A 167 -2.32 -14.76 -22.32
N ASP A 168 -3.58 -14.41 -22.10
CA ASP A 168 -4.24 -13.41 -22.93
C ASP A 168 -4.40 -12.09 -22.16
N GLY A 169 -4.08 -12.12 -20.87
CA GLY A 169 -4.13 -10.93 -20.03
C GLY A 169 -3.27 -11.08 -18.79
N PHE A 170 -2.90 -9.95 -18.20
CA PHE A 170 -2.01 -9.95 -17.05
C PHE A 170 -2.45 -8.84 -16.12
N PHE A 171 -2.75 -9.19 -14.89
CA PHE A 171 -3.17 -8.19 -13.92
C PHE A 171 -2.07 -7.93 -12.88
N SER A 172 -1.61 -6.69 -12.80
CA SER A 172 -0.48 -6.35 -11.94
C SER A 172 -0.42 -4.86 -11.59
N LEU A 173 0.70 -4.45 -10.97
CA LEU A 173 0.92 -3.05 -10.61
C LEU A 173 1.74 -2.38 -11.68
N PHE A 174 2.42 -1.27 -11.32
CA PHE A 174 3.15 -0.43 -12.28
C PHE A 174 4.26 -1.14 -13.07
N ASP A 175 4.64 -2.34 -12.63
CA ASP A 175 5.55 -3.18 -13.42
C ASP A 175 4.99 -3.44 -14.83
N SER A 176 3.69 -3.27 -14.98
CA SER A 176 3.03 -3.36 -16.28
C SER A 176 3.69 -2.48 -17.37
N TYR A 177 4.17 -1.30 -16.99
CA TYR A 177 4.73 -0.31 -17.92
C TYR A 177 5.96 -0.77 -18.68
N ILE A 178 6.74 -1.64 -18.03
CA ILE A 178 7.90 -2.27 -18.66
C ILE A 178 7.47 -2.99 -19.93
N LEU A 179 6.34 -3.72 -19.83
CA LEU A 179 5.73 -4.40 -20.96
C LEU A 179 5.41 -3.46 -22.12
N GLU A 180 4.96 -2.25 -21.81
CA GLU A 180 4.80 -1.26 -22.88
C GLU A 180 6.19 -0.87 -23.41
N ASP A 181 7.15 -0.65 -22.53
CA ASP A 181 8.47 -0.20 -22.97
C ASP A 181 9.22 -1.21 -23.85
N ARG A 182 9.04 -2.51 -23.61
CA ARG A 182 9.68 -3.51 -24.47
C ARG A 182 8.80 -3.75 -25.70
N GLY A 183 7.74 -2.96 -25.84
CA GLY A 183 6.85 -3.02 -27.00
C GLY A 183 6.05 -4.31 -27.13
N VAL A 184 5.85 -5.01 -26.03
CA VAL A 184 5.26 -6.36 -26.08
C VAL A 184 3.90 -6.46 -25.37
N GLY A 185 3.45 -5.35 -24.78
CA GLY A 185 2.13 -5.31 -24.17
C GLY A 185 1.46 -3.97 -24.26
N LYS A 186 0.16 -3.94 -24.00
CA LYS A 186 -0.54 -2.67 -23.85
C LYS A 186 -1.51 -2.69 -22.67
N ILE A 187 -1.49 -1.61 -21.89
CA ILE A 187 -2.39 -1.44 -20.76
C ILE A 187 -3.73 -0.93 -21.29
N ILE A 188 -4.81 -1.57 -20.89
CA ILE A 188 -6.15 -1.28 -21.46
C ILE A 188 -7.14 -0.87 -20.37
N TRP A 189 -6.78 -1.13 -19.12
CA TRP A 189 -7.56 -0.69 -18.00
C TRP A 189 -6.60 -0.46 -16.86
N SER A 190 -6.95 0.45 -15.98
CA SER A 190 -6.14 0.76 -14.82
C SER A 190 -7.02 1.38 -13.74
N THR A 191 -6.61 1.24 -12.48
CA THR A 191 -7.39 1.83 -11.35
C THR A 191 -7.32 3.35 -11.33
N LYS A 192 -6.52 3.94 -12.21
CA LYS A 192 -6.55 5.40 -12.40
C LYS A 192 -7.90 5.91 -12.89
N THR A 193 -8.78 5.00 -13.30
CA THR A 193 -10.15 5.35 -13.66
C THR A 193 -11.17 4.74 -12.67
N ALA A 194 -10.69 4.15 -11.59
CA ALA A 194 -11.55 3.49 -10.61
C ALA A 194 -11.79 4.38 -9.38
N PRO A 195 -12.76 4.02 -8.52
CA PRO A 195 -12.89 4.72 -7.23
C PRO A 195 -11.61 4.63 -6.43
N VAL A 196 -11.40 5.63 -5.57
CA VAL A 196 -10.20 5.73 -4.75
C VAL A 196 -9.91 4.48 -3.90
N ASP A 197 -10.95 3.81 -3.39
CA ASP A 197 -10.79 2.61 -2.55
C ASP A 197 -10.26 1.34 -3.25
N TRP A 198 -10.23 1.33 -4.58
CA TRP A 198 -9.67 0.19 -5.33
C TRP A 198 -8.17 0.20 -5.33
N LYS A 199 -7.60 1.33 -4.93
CA LYS A 199 -6.16 1.47 -4.85
C LYS A 199 -5.64 0.80 -3.59
N LEU A 200 -4.37 0.40 -3.61
CA LEU A 200 -3.72 -0.23 -2.44
C LEU A 200 -3.42 0.79 -1.32
N MSE A 201 -3.57 0.32 -0.08
CA MSE A 201 -3.40 1.19 1.09
C MSE A 201 -2.45 0.61 2.14
O MSE A 201 -1.71 -0.34 1.86
CB MSE A 201 -4.79 1.49 1.65
CG MSE A 201 -5.64 2.22 0.62
SE MSE A 201 -7.08 3.24 1.52
CE MSE A 201 -8.01 3.97 -0.06
N GLY A 202 -2.48 1.18 3.35
CA GLY A 202 -1.61 0.78 4.45
C GLY A 202 -1.05 2.00 5.15
N GLY A 203 0.08 1.80 5.81
CA GLY A 203 0.68 2.87 6.58
C GLY A 203 1.33 2.37 7.84
N VAL A 204 1.20 3.18 8.90
CA VAL A 204 1.89 2.94 10.16
C VAL A 204 0.97 2.22 11.11
N TRP A 205 1.35 0.99 11.42
CA TRP A 205 0.58 0.13 12.31
C TRP A 205 1.23 0.03 13.68
N ALA A 206 0.41 0.10 14.71
CA ALA A 206 0.90 0.06 16.08
C ALA A 206 0.33 -1.11 16.84
N ARG A 207 1.18 -1.73 17.67
CA ARG A 207 0.75 -2.77 18.58
C ARG A 207 -0.25 -2.20 19.62
N ASN A 208 -1.42 -2.83 19.72
CA ASN A 208 -2.53 -2.30 20.51
C ASN A 208 -2.13 -1.98 21.94
N ASP A 209 -1.41 -2.93 22.56
CA ASP A 209 -0.84 -2.80 23.89
C ASP A 209 0.17 -1.68 24.00
N PHE A 210 0.90 -1.41 22.91
CA PHE A 210 1.86 -0.34 22.94
C PHE A 210 1.18 1.03 23.03
N VAL A 211 0.13 1.19 22.23
CA VAL A 211 -0.66 2.42 22.19
C VAL A 211 -1.32 2.67 23.53
N LYS A 212 -2.03 1.65 24.05
CA LYS A 212 -2.71 1.74 25.33
C LYS A 212 -1.73 2.18 26.41
N GLN A 213 -0.52 1.64 26.40
CA GLN A 213 0.47 2.01 27.39
C GLN A 213 1.16 3.36 27.10
N ASN A 214 1.38 3.68 25.82
CA ASN A 214 2.17 4.87 25.50
C ASN A 214 1.50 5.79 24.46
N PRO A 215 0.39 6.44 24.86
CA PRO A 215 -0.27 7.35 23.93
C PRO A 215 0.63 8.52 23.49
N GLU A 216 1.43 9.04 24.42
CA GLU A 216 2.31 10.20 24.20
C GLU A 216 3.35 9.92 23.11
N ILE A 217 4.08 8.82 23.28
CA ILE A 217 5.06 8.36 22.31
C ILE A 217 4.44 8.07 20.94
N THR A 218 3.27 7.40 20.95
CA THR A 218 2.58 7.07 19.72
C THR A 218 2.32 8.35 18.96
N GLN A 219 1.88 9.37 19.69
CA GLN A 219 1.63 10.69 19.12
C GLN A 219 2.88 11.32 18.53
N ALA A 220 3.99 11.20 19.24
CA ALA A 220 5.23 11.80 18.79
C ALA A 220 5.62 11.18 17.45
N ILE A 221 5.45 9.86 17.34
CA ILE A 221 5.69 9.13 16.10
C ILE A 221 4.78 9.58 14.95
N VAL A 222 3.49 9.63 15.19
CA VAL A 222 2.53 10.10 14.19
C VAL A 222 2.76 11.56 13.77
N THR A 223 2.93 12.46 14.74
CA THR A 223 3.24 13.84 14.41
C THR A 223 4.52 13.90 13.56
N ALA A 224 5.57 13.20 13.99
CA ALA A 224 6.84 13.20 13.26
C ALA A 224 6.69 12.62 11.85
N TYR A 225 5.96 11.52 11.73
CA TYR A 225 5.63 10.93 10.46
C TYR A 225 4.98 11.90 9.48
N LEU A 226 3.88 12.51 9.91
CA LEU A 226 3.18 13.47 9.07
C LEU A 226 4.05 14.67 8.63
N LYS A 227 4.97 15.08 9.49
CA LYS A 227 5.92 16.13 9.11
C LYS A 227 6.67 15.75 7.83
N SER A 228 7.18 14.52 7.80
CA SER A 228 7.86 14.00 6.62
C SER A 228 6.90 13.95 5.42
N VAL A 229 5.70 13.43 5.66
CA VAL A 229 4.70 13.26 4.62
C VAL A 229 4.26 14.61 4.02
N HIS A 230 4.07 15.62 4.86
CA HIS A 230 3.77 16.97 4.39
C HIS A 230 4.85 17.46 3.45
N TRP A 231 6.10 17.10 3.75
CA TRP A 231 7.21 17.59 2.95
C TRP A 231 7.21 16.96 1.57
N VAL A 232 6.99 15.66 1.50
CA VAL A 232 7.01 14.96 0.23
C VAL A 232 5.76 15.23 -0.62
N ALA A 233 4.66 15.61 0.04
CA ALA A 233 3.36 15.74 -0.62
C ALA A 233 3.22 17.04 -1.43
N GLN A 234 4.14 17.99 -1.21
CA GLN A 234 4.21 19.19 -2.00
C GLN A 234 4.79 18.84 -3.38
N ASP A 235 4.31 19.50 -4.44
CA ASP A 235 4.71 19.18 -5.83
C ASP A 235 6.19 19.39 -6.09
N GLU A 236 6.79 20.41 -5.47
CA GLU A 236 8.21 20.68 -5.68
C GLU A 236 9.11 19.50 -5.26
N ASN A 237 8.57 18.56 -4.49
CA ASN A 237 9.36 17.46 -3.97
C ASN A 237 9.01 16.13 -4.59
N LYS A 238 8.08 16.15 -5.53
CA LYS A 238 7.72 14.96 -6.27
C LYS A 238 8.94 14.33 -6.99
N GLU A 239 9.71 15.14 -7.71
CA GLU A 239 10.89 14.65 -8.40
C GLU A 239 11.96 14.08 -7.46
N THR A 240 12.17 14.73 -6.32
CA THR A 240 13.07 14.18 -5.30
C THR A 240 12.61 12.79 -4.84
N TYR A 241 11.33 12.66 -4.49
CA TYR A 241 10.79 11.35 -4.14
C TYR A 241 11.08 10.31 -5.24
N ILE A 242 10.72 10.62 -6.49
CA ILE A 242 10.94 9.72 -7.61
C ILE A 242 12.40 9.24 -7.73
N ARG A 243 13.32 10.18 -7.57
CA ARG A 243 14.74 9.88 -7.74
CA ARG A 243 14.76 9.94 -7.71
C ARG A 243 15.36 9.25 -6.48
N GLU A 244 14.90 9.63 -5.29
CA GLU A 244 15.56 9.11 -4.08
C GLU A 244 14.82 8.01 -3.36
N TYR A 245 13.50 8.12 -3.26
CA TYR A 245 12.74 7.26 -2.33
C TYR A 245 11.76 6.30 -2.96
N SER A 246 11.71 6.22 -4.28
CA SER A 246 10.75 5.33 -4.89
C SER A 246 11.27 3.89 -5.00
N ASN A 247 10.61 3.07 -5.82
CA ASN A 247 10.98 1.69 -5.95
C ASN A 247 12.11 1.52 -6.95
N LYS A 248 13.32 1.31 -6.45
CA LYS A 248 14.51 1.25 -7.32
C LYS A 248 14.67 -0.05 -8.12
N ILE A 249 13.78 -1.03 -7.93
CA ILE A 249 13.83 -2.24 -8.77
C ILE A 249 13.47 -1.83 -10.19
N TYR A 250 12.77 -0.70 -10.29
CA TYR A 250 12.21 -0.22 -11.53
C TYR A 250 12.77 1.13 -11.92
N PRO A 251 12.90 1.40 -13.22
CA PRO A 251 13.37 2.70 -13.70
C PRO A 251 12.55 3.86 -13.16
N GLU A 252 13.19 5.00 -13.03
CA GLU A 252 12.50 6.24 -12.62
C GLU A 252 11.23 6.54 -13.44
N SER A 253 11.29 6.34 -14.75
CA SER A 253 10.12 6.60 -15.62
C SER A 253 8.95 5.69 -15.29
N VAL A 254 9.22 4.44 -14.91
CA VAL A 254 8.18 3.51 -14.50
C VAL A 254 7.52 4.03 -13.21
N ASN A 255 8.35 4.41 -12.23
CA ASN A 255 7.89 4.99 -10.96
C ASN A 255 7.09 6.25 -11.17
N ARG A 256 7.49 7.02 -12.18
CA ARG A 256 6.94 8.31 -12.51
C ARG A 256 5.58 8.15 -13.17
N ARG A 257 5.42 7.06 -13.92
CA ARG A 257 4.18 6.81 -14.65
C ARG A 257 3.05 6.33 -13.75
N GLU A 258 3.43 5.70 -12.64
CA GLU A 258 2.49 5.30 -11.62
C GLU A 258 1.62 6.48 -11.13
N TYR A 259 2.20 7.68 -11.14
CA TYR A 259 1.50 8.89 -10.70
C TYR A 259 0.95 9.73 -11.85
N ASP A 260 1.18 9.28 -13.07
CA ASP A 260 0.79 10.05 -14.25
C ASP A 260 -0.69 9.88 -14.57
N GLN A 261 -1.38 10.98 -14.85
CA GLN A 261 -2.76 10.93 -15.33
C GLN A 261 -3.75 10.19 -14.39
N ASP A 262 -3.42 10.17 -13.11
CA ASP A 262 -4.22 9.52 -12.09
C ASP A 262 -5.42 10.41 -11.67
N ASN A 263 -6.52 9.82 -11.23
CA ASN A 263 -7.64 10.62 -10.71
C ASN A 263 -7.42 11.08 -9.26
N VAL A 264 -6.24 10.77 -8.72
CA VAL A 264 -5.82 11.23 -7.42
C VAL A 264 -4.49 12.00 -7.57
N SER A 265 -4.49 13.26 -7.14
CA SER A 265 -3.32 14.13 -7.27
C SER A 265 -2.13 13.60 -6.48
N TRP A 266 -0.97 14.19 -6.76
CA TRP A 266 0.26 13.84 -6.06
C TRP A 266 0.14 13.96 -4.55
N ARG A 267 -0.41 15.09 -4.09
CA ARG A 267 -0.65 15.33 -2.68
C ARG A 267 -1.65 14.34 -2.09
N GLN A 268 -2.75 14.14 -2.79
CA GLN A 268 -3.79 13.23 -2.33
C GLN A 268 -3.33 11.76 -2.19
N ARG A 269 -2.32 11.37 -2.98
CA ARG A 269 -1.76 10.03 -2.88
C ARG A 269 -1.12 9.76 -1.50
N TRP A 270 -0.85 10.83 -0.77
CA TRP A 270 -0.15 10.76 0.50
C TRP A 270 -1.07 11.00 1.66
N SER A 271 -2.37 11.11 1.38
CA SER A 271 -3.35 11.50 2.39
C SER A 271 -3.43 10.54 3.57
N PRO A 272 -3.43 11.08 4.79
CA PRO A 272 -3.55 10.28 6.01
C PRO A 272 -4.97 10.27 6.56
N LEU A 273 -5.90 10.85 5.81
CA LEU A 273 -7.28 10.98 6.27
C LEU A 273 -7.99 9.64 6.38
N TYR A 274 -8.78 9.51 7.44
CA TYR A 274 -9.59 8.33 7.67
C TYR A 274 -10.95 8.57 7.05
N ASP A 275 -10.95 8.88 5.76
CA ASP A 275 -12.17 9.28 5.09
C ASP A 275 -13.06 8.10 4.71
N VAL A 276 -14.20 8.39 4.09
CA VAL A 276 -15.14 7.36 3.71
C VAL A 276 -14.53 6.30 2.76
N ALA A 277 -13.68 6.75 1.83
CA ALA A 277 -13.02 5.85 0.89
C ALA A 277 -12.01 4.90 1.57
N LEU A 278 -11.34 5.38 2.62
CA LEU A 278 -10.51 4.52 3.46
C LEU A 278 -11.30 3.45 4.22
N GLN A 279 -12.33 3.88 4.93
CA GLN A 279 -13.20 2.95 5.63
C GLN A 279 -13.71 1.86 4.67
N GLU A 280 -14.23 2.29 3.53
CA GLU A 280 -14.77 1.39 2.53
C GLU A 280 -13.72 0.38 1.99
N HIS A 281 -12.54 0.87 1.65
CA HIS A 281 -11.45 0.02 1.27
C HIS A 281 -11.19 -1.04 2.34
N TYR A 282 -11.19 -0.64 3.60
CA TYR A 282 -10.93 -1.59 4.70
C TYR A 282 -12.04 -2.61 4.94
N ARG A 283 -13.29 -2.15 4.93
CA ARG A 283 -14.45 -3.02 4.88
C ARG A 283 -14.33 -4.02 3.70
N LYS A 284 -14.00 -3.51 2.52
CA LYS A 284 -13.93 -4.37 1.34
C LYS A 284 -12.78 -5.38 1.45
N ALA A 285 -11.61 -4.89 1.86
CA ALA A 285 -10.42 -5.69 2.01
C ALA A 285 -10.59 -6.80 3.03
N VAL A 286 -11.28 -6.54 4.13
CA VAL A 286 -11.47 -7.57 5.16
C VAL A 286 -12.40 -8.67 4.63
N ALA A 287 -13.41 -8.29 3.86
CA ALA A 287 -14.34 -9.25 3.24
C ALA A 287 -13.63 -10.14 2.25
N TYR A 288 -12.75 -9.55 1.43
CA TYR A 288 -11.99 -10.28 0.41
CA TYR A 288 -12.06 -10.36 0.44
C TYR A 288 -10.96 -11.22 1.03
N ALA A 289 -10.34 -10.78 2.13
CA ALA A 289 -9.34 -11.62 2.82
C ALA A 289 -9.96 -12.95 3.26
N GLN A 290 -11.19 -12.90 3.76
CA GLN A 290 -11.87 -14.09 4.19
C GLN A 290 -12.33 -14.96 3.01
N ALA A 291 -12.93 -14.33 2.00
CA ALA A 291 -13.45 -15.05 0.83
C ALA A 291 -12.35 -15.78 0.04
N SER A 292 -11.19 -15.14 -0.14
CA SER A 292 -10.06 -15.81 -0.80
C SER A 292 -9.35 -16.84 0.10
N GLY A 293 -9.91 -17.08 1.28
CA GLY A 293 -9.39 -18.07 2.21
C GLY A 293 -8.04 -17.75 2.85
N LEU A 294 -7.64 -16.47 2.83
CA LEU A 294 -6.43 -16.07 3.57
C LEU A 294 -6.71 -16.08 5.08
N THR A 295 -7.98 -15.95 5.46
CA THR A 295 -8.41 -16.01 6.86
C THR A 295 -9.75 -16.73 6.98
N ARG A 296 -9.94 -17.43 8.10
CA ARG A 296 -11.24 -18.05 8.40
C ARG A 296 -12.24 -16.96 8.81
N THR A 297 -11.74 -15.99 9.56
CA THR A 297 -12.53 -14.98 10.27
C THR A 297 -12.43 -13.59 9.60
N GLN A 298 -13.32 -12.68 9.97
CA GLN A 298 -13.22 -11.28 9.56
C GLN A 298 -12.84 -10.37 10.73
N ALA A 299 -11.74 -9.63 10.58
CA ALA A 299 -11.31 -8.67 11.60
C ALA A 299 -12.34 -7.57 11.76
N ASP A 300 -12.57 -7.14 13.00
CA ASP A 300 -13.38 -5.97 13.30
C ASP A 300 -12.66 -4.72 12.75
N VAL A 301 -13.27 -4.09 11.74
CA VAL A 301 -12.63 -2.96 11.05
C VAL A 301 -12.47 -1.76 11.97
N GLN A 302 -13.51 -1.48 12.75
CA GLN A 302 -13.55 -0.31 13.66
C GLN A 302 -12.42 -0.32 14.71
N GLN A 303 -12.19 -1.46 15.35
CA GLN A 303 -11.14 -1.60 16.37
C GLN A 303 -9.70 -1.53 15.81
N MSE A 304 -9.58 -1.68 14.50
CA MSE A 304 -8.30 -1.69 13.81
C MSE A 304 -7.93 -0.33 13.28
O MSE A 304 -6.77 -0.08 12.96
CB MSE A 304 -8.60 -2.71 12.73
CG MSE A 304 -7.57 -2.81 11.63
SE MSE A 304 -8.20 -4.27 10.47
CE MSE A 304 -6.54 -4.31 9.44
N LEU A 305 -8.89 0.59 13.19
CA LEU A 305 -8.59 1.95 12.76
C LEU A 305 -8.70 2.96 13.89
N ASN A 306 -7.60 3.66 14.16
CA ASN A 306 -7.59 4.70 15.17
C ASN A 306 -7.20 6.07 14.59
N PRO A 307 -8.21 6.94 14.32
CA PRO A 307 -7.96 8.27 13.74
C PRO A 307 -7.51 9.36 14.73
N HIS A 308 -7.37 9.02 16.01
CA HIS A 308 -7.07 10.03 17.04
C HIS A 308 -5.75 10.75 16.89
N PHE A 309 -4.72 10.03 16.43
CA PHE A 309 -3.37 10.59 16.32
C PHE A 309 -3.13 11.52 15.13
N VAL A 310 -3.76 11.23 14.00
CA VAL A 310 -3.68 12.07 12.81
C VAL A 310 -4.48 13.37 13.04
N ALA A 311 -5.67 13.23 13.64
CA ALA A 311 -6.48 14.37 14.09
C ALA A 311 -5.67 15.30 15.00
N THR A 312 -5.04 14.75 16.04
CA THR A 312 -4.21 15.58 16.94
C THR A 312 -3.05 16.23 16.16
N ALA A 313 -2.38 15.42 15.33
CA ALA A 313 -1.21 15.88 14.56
C ALA A 313 -1.52 16.99 13.56
N LEU A 314 -2.63 16.87 12.82
CA LEU A 314 -3.06 17.87 11.82
C LEU A 314 -3.41 19.22 12.44
N LYS A 315 -4.09 19.19 13.59
CA LYS A 315 -4.32 20.40 14.38
C LYS A 315 -2.99 21.01 14.82
N GLU A 316 -2.12 20.18 15.42
CA GLU A 316 -0.81 20.61 15.91
C GLU A 316 0.07 21.19 14.82
N LEU A 317 -0.04 20.68 13.60
CA LEU A 317 0.84 21.08 12.53
C LEU A 317 0.22 22.12 11.63
N LYS A 318 -1.01 22.51 11.94
CA LYS A 318 -1.79 23.41 11.08
C LYS A 318 -1.95 22.89 9.66
N LEU A 319 -2.37 21.63 9.56
CA LEU A 319 -2.54 20.98 8.28
C LEU A 319 -3.95 20.45 8.09
N GLU A 320 -4.91 21.04 8.84
CA GLU A 320 -6.29 20.57 8.82
CA GLU A 320 -6.32 20.64 8.83
C GLU A 320 -6.93 20.67 7.43
N GLY A 321 -6.49 21.64 6.63
CA GLY A 321 -7.01 21.81 5.27
C GLY A 321 -6.07 21.44 4.13
N PHE A 322 -4.98 20.73 4.43
CA PHE A 322 -3.95 20.44 3.43
C PHE A 322 -4.36 19.24 2.54
N TRP A 323 -5.01 18.24 3.13
CA TRP A 323 -5.68 17.14 2.39
C TRP A 323 -7.18 17.33 2.38
N THR A 324 -7.87 16.66 1.45
CA THR A 324 -9.35 16.72 1.39
C THR A 324 -9.93 15.31 1.50
N PRO A 325 -10.99 15.11 2.31
CA PRO A 325 -11.57 13.77 2.46
C PRO A 325 -12.30 13.32 1.18
N ASN A 326 -12.18 12.04 0.82
CA ASN A 326 -12.92 11.48 -0.32
C ASN A 326 -14.24 10.87 0.13
N ALA A 327 -15.28 11.01 -0.67
CA ALA A 327 -16.55 10.36 -0.40
C ALA A 327 -16.69 8.99 -1.11
N GLU A 328 -17.83 8.33 -0.85
CA GLU A 328 -18.22 7.08 -1.50
CA GLU A 328 -18.19 7.07 -1.51
C GLU A 328 -18.58 7.32 -2.97
N ASN A 329 -17.88 6.64 -3.87
CA ASN A 329 -18.04 6.82 -5.32
C ASN A 329 -19.13 5.95 -5.94
N LEU A 330 -20.33 6.53 -6.10
CA LEU A 330 -21.55 5.86 -6.59
C LEU A 330 -21.49 5.19 -7.99
N TYR A 331 -20.56 4.23 -8.12
CA TYR A 331 -20.16 3.63 -9.41
C TYR A 331 -21.26 2.91 -10.18
S SO4 B . 4.91 -10.65 -5.44
O1 SO4 B . 5.86 -9.69 -6.06
O2 SO4 B . 4.55 -10.12 -4.10
O3 SO4 B . 3.69 -10.84 -6.28
O4 SO4 B . 5.50 -12.02 -5.37
S SO4 C . 15.29 5.76 -16.15
O1 SO4 C . 16.33 6.73 -16.55
O2 SO4 C . 15.54 5.28 -14.76
O3 SO4 C . 13.99 6.47 -16.22
O4 SO4 C . 15.31 4.60 -17.07
C1 GOL D . 3.39 5.95 -1.12
O1 GOL D . 3.34 5.01 -0.02
C2 GOL D . 2.34 7.04 -0.94
O2 GOL D . 1.10 6.48 -0.45
C3 GOL D . 2.09 7.66 -2.29
O3 GOL D . 1.80 6.62 -3.22
#